data_1GQR
#
_entry.id   1GQR
#
_cell.length_a   112.052
_cell.length_b   112.052
_cell.length_c   136.770
_cell.angle_alpha   90.00
_cell.angle_beta   90.00
_cell.angle_gamma   120.00
#
_symmetry.space_group_name_H-M   'P 31 2 1'
#
loop_
_entity.id
_entity.type
_entity.pdbx_description
1 polymer ACETYLCHOLINESTERASE
2 non-polymer 2-acetamido-2-deoxy-beta-D-glucopyranose
3 non-polymer 3-[(1S)-1-(DIMETHYLAMINO)ETHYL]PHENOL
4 non-polymer [METHYL(VINYL)AMINO]METHANOL
5 water water
#
_entity_poly.entity_id   1
_entity_poly.type   'polypeptide(L)'
_entity_poly.pdbx_seq_one_letter_code
;SELLVNTKSGKVMGTRVPVLSSHISAFLGIPFAEPPVGNMRFRRPEPKKPWSGVWNASTYPNNCQQYVDEQFPGFSGSEM
WNPNREMSEDCLYLNIWVPSPRPKSTTVMVWIYGGGFYSGSSTLDVYNGKYLAYTEEVVLVSLSYRVGAFGFLALHGSQE
APGNVGLLDQRMALQWVHDNIQFFGGDPKTVTIFGESAGGASVGMHILSPGSRDLFRRAILQSGSPNCPWASVSVAEGRR
RAVELGRNLNCNLNSDEELIHCLREKKPQELIDVEWNVLPFDSIFRFSFVPVIDGEFFPTSLESMLNSGNFKKTQILLGV
NKDEGSFFLLYGAPGFSKDSESKISREDFMSGVKLSVPHANDLGLDAVTLQYTDWMDDNNGIKNRDGLDDIVGDHNVICP
LMHFVNKYTKFGNGTYLYFFNHRASNLVWPEWMGVIHGYEIEFVFGLPLVKELNYTAEEEALSRRIMHYWATFAKTGNPN
EPHSQESKWPLFTTKEQKFIDLNTEPMKVHQRLRVQMCVFWNQFLPKLLNAT
;
_entity_poly.pdbx_strand_id   A
#
loop_
_chem_comp.id
_chem_comp.type
_chem_comp.name
_chem_comp.formula
EMM non-polymer [METHYL(VINYL)AMINO]METHANOL 'C4 H7 N O2'
NAG D-saccharide, beta linking 2-acetamido-2-deoxy-beta-D-glucopyranose 'C8 H15 N O6'
SAF non-polymer 3-[(1S)-1-(DIMETHYLAMINO)ETHYL]PHENOL 'C10 H15 N O'
#
# COMPACT_ATOMS: atom_id res chain seq x y z
N SER A 1 -4.75 3.42 35.71
CA SER A 1 -3.66 4.00 34.90
C SER A 1 -4.02 4.08 33.42
N GLU A 2 -3.91 5.27 32.86
CA GLU A 2 -4.24 5.52 31.45
C GLU A 2 -3.32 4.77 30.48
N LEU A 3 -2.12 4.44 30.93
CA LEU A 3 -1.17 3.74 30.09
C LEU A 3 -1.25 2.22 30.21
N LEU A 4 -2.14 1.74 31.08
CA LEU A 4 -2.30 0.31 31.24
C LEU A 4 -3.67 -0.12 30.73
N VAL A 5 -3.65 -1.07 29.79
CA VAL A 5 -4.88 -1.57 29.19
C VAL A 5 -4.85 -3.09 29.22
N ASN A 6 -5.96 -3.68 29.66
CA ASN A 6 -6.08 -5.12 29.73
C ASN A 6 -6.87 -5.60 28.51
N THR A 7 -6.28 -6.52 27.78
CA THR A 7 -6.91 -7.05 26.59
C THR A 7 -7.17 -8.53 26.76
N LYS A 8 -7.90 -9.11 25.81
CA LYS A 8 -8.22 -10.53 25.83
C LYS A 8 -6.98 -11.39 25.70
N SER A 9 -5.85 -10.76 25.35
CA SER A 9 -4.58 -11.45 25.20
C SER A 9 -3.66 -11.17 26.38
N GLY A 10 -3.98 -10.16 27.16
CA GLY A 10 -3.16 -9.82 28.31
C GLY A 10 -3.10 -8.33 28.51
N LYS A 11 -2.44 -7.91 29.59
CA LYS A 11 -2.30 -6.50 29.90
C LYS A 11 -1.13 -5.92 29.12
N VAL A 12 -1.29 -4.69 28.65
CA VAL A 12 -0.25 -4.00 27.89
C VAL A 12 0.00 -2.65 28.55
N MET A 13 1.25 -2.23 28.55
CA MET A 13 1.61 -0.96 29.16
C MET A 13 2.25 -0.05 28.11
N GLY A 14 1.52 0.99 27.73
CA GLY A 14 2.01 1.94 26.74
C GLY A 14 2.95 2.98 27.31
N THR A 15 2.97 4.15 26.68
CA THR A 15 3.82 5.25 27.10
C THR A 15 3.25 6.61 26.72
N ARG A 16 3.45 7.60 27.58
CA ARG A 16 2.96 8.95 27.29
C ARG A 16 3.90 9.62 26.31
N VAL A 17 3.39 9.87 25.11
CA VAL A 17 4.14 10.47 24.04
C VAL A 17 3.71 11.90 23.77
N PRO A 18 4.68 12.83 23.71
CA PRO A 18 4.37 14.23 23.44
C PRO A 18 4.04 14.44 21.96
N VAL A 19 3.06 15.30 21.70
CA VAL A 19 2.64 15.59 20.34
C VAL A 19 2.05 17.01 20.24
N LEU A 20 2.70 17.87 19.47
CA LEU A 20 2.25 19.25 19.25
C LEU A 20 1.81 19.98 20.53
N SER A 21 2.74 20.11 21.47
CA SER A 21 2.54 20.78 22.77
C SER A 21 1.63 20.05 23.77
N SER A 22 1.22 18.83 23.42
CA SER A 22 0.35 18.04 24.29
C SER A 22 0.94 16.63 24.43
N HIS A 23 0.11 15.66 24.79
CA HIS A 23 0.56 14.27 24.94
C HIS A 23 -0.55 13.29 24.64
N ILE A 24 -0.16 12.06 24.31
CA ILE A 24 -1.11 10.98 24.02
C ILE A 24 -0.48 9.67 24.48
N SER A 25 -1.26 8.60 24.49
CA SER A 25 -0.76 7.30 24.89
C SER A 25 -0.33 6.56 23.63
N ALA A 26 0.69 5.73 23.78
CA ALA A 26 1.19 4.96 22.66
C ALA A 26 1.52 3.55 23.10
N PHE A 27 0.83 2.59 22.50
CA PHE A 27 1.04 1.19 22.81
C PHE A 27 1.74 0.62 21.59
N LEU A 28 3.07 0.64 21.65
CA LEU A 28 3.91 0.19 20.56
C LEU A 28 4.37 -1.25 20.72
N GLY A 29 4.40 -1.98 19.61
CA GLY A 29 4.86 -3.35 19.64
C GLY A 29 3.98 -4.40 20.30
N ILE A 30 2.66 -4.30 20.13
CA ILE A 30 1.77 -5.30 20.71
C ILE A 30 1.70 -6.50 19.78
N PRO A 31 2.03 -7.70 20.28
CA PRO A 31 1.99 -8.91 19.44
C PRO A 31 0.56 -9.32 19.12
N PHE A 32 0.30 -9.65 17.86
CA PHE A 32 -1.04 -10.09 17.46
C PHE A 32 -1.04 -11.50 16.87
N ALA A 33 0.13 -12.10 16.81
CA ALA A 33 0.28 -13.45 16.28
C ALA A 33 1.52 -14.09 16.85
N GLU A 34 1.60 -15.41 16.77
CA GLU A 34 2.77 -16.13 17.23
C GLU A 34 3.87 -15.88 16.21
N PRO A 35 5.12 -15.69 16.67
CA PRO A 35 6.26 -15.44 15.77
C PRO A 35 6.32 -16.52 14.69
N PRO A 36 6.19 -16.11 13.41
CA PRO A 36 6.22 -16.99 12.24
C PRO A 36 7.61 -17.52 11.91
N VAL A 37 8.35 -17.88 12.95
CA VAL A 37 9.71 -18.38 12.80
C VAL A 37 9.76 -19.89 12.76
N GLY A 38 10.90 -20.41 12.32
CA GLY A 38 11.10 -21.86 12.24
C GLY A 38 10.24 -22.57 11.22
N ASN A 39 9.62 -23.66 11.65
CA ASN A 39 8.75 -24.45 10.80
C ASN A 39 7.48 -23.65 10.47
N MET A 40 7.31 -22.53 11.16
CA MET A 40 6.17 -21.63 10.95
C MET A 40 6.39 -20.69 9.74
N ARG A 41 7.63 -20.60 9.26
CA ARG A 41 7.94 -19.75 8.13
C ARG A 41 7.13 -20.20 6.92
N PHE A 42 6.43 -19.25 6.29
CA PHE A 42 5.59 -19.49 5.12
C PHE A 42 4.18 -19.96 5.47
N ARG A 43 3.98 -20.37 6.71
CA ARG A 43 2.68 -20.83 7.17
C ARG A 43 1.72 -19.69 7.54
N ARG A 44 0.43 -20.00 7.61
CA ARG A 44 -0.59 -19.04 7.99
C ARG A 44 -0.31 -18.61 9.42
N PRO A 45 -0.64 -17.36 9.78
CA PRO A 45 -0.40 -16.88 11.14
C PRO A 45 -1.31 -17.50 12.20
N GLU A 46 -0.71 -17.82 13.34
CA GLU A 46 -1.45 -18.37 14.48
C GLU A 46 -1.64 -17.22 15.45
N PRO A 47 -2.78 -17.18 16.15
CA PRO A 47 -3.05 -16.10 17.10
C PRO A 47 -2.01 -16.07 18.23
N LYS A 48 -1.73 -14.88 18.75
CA LYS A 48 -0.77 -14.76 19.83
C LYS A 48 -1.37 -15.32 21.12
N LYS A 49 -0.75 -16.39 21.64
CA LYS A 49 -1.19 -17.02 22.88
C LYS A 49 -1.17 -15.94 23.97
N PRO A 50 -2.28 -15.78 24.70
CA PRO A 50 -2.34 -14.78 25.76
C PRO A 50 -1.20 -14.95 26.76
N TRP A 51 -0.73 -13.82 27.30
CA TRP A 51 0.38 -13.82 28.23
C TRP A 51 -0.01 -13.40 29.64
N SER A 52 0.76 -13.89 30.61
CA SER A 52 0.56 -13.55 32.01
C SER A 52 1.46 -12.34 32.24
N GLY A 53 1.06 -11.45 33.14
CA GLY A 53 1.86 -10.27 33.40
C GLY A 53 1.60 -9.14 32.42
N VAL A 54 2.39 -8.08 32.51
CA VAL A 54 2.24 -6.91 31.65
C VAL A 54 3.20 -6.87 30.47
N TRP A 55 2.65 -6.64 29.28
CA TRP A 55 3.45 -6.55 28.07
C TRP A 55 3.93 -5.11 27.95
N ASN A 56 5.24 -4.93 27.75
CA ASN A 56 5.82 -3.60 27.62
C ASN A 56 5.59 -3.07 26.21
N ALA A 57 4.62 -2.18 26.06
CA ALA A 57 4.28 -1.59 24.76
C ALA A 57 4.78 -0.15 24.68
N SER A 58 6.02 0.06 25.07
CA SER A 58 6.61 1.40 25.07
C SER A 58 7.56 1.69 23.92
N THR A 59 7.97 0.66 23.20
CA THR A 59 8.90 0.85 22.09
C THR A 59 8.52 0.08 20.82
N TYR A 60 8.91 0.62 19.68
CA TYR A 60 8.64 0.01 18.39
C TYR A 60 9.20 -1.40 18.25
N PRO A 61 8.49 -2.25 17.52
CA PRO A 61 8.92 -3.64 17.31
C PRO A 61 9.93 -3.76 16.16
N ASN A 62 10.42 -4.98 15.94
CA ASN A 62 11.36 -5.23 14.86
C ASN A 62 10.56 -5.13 13.57
N ASN A 63 11.26 -4.91 12.47
CA ASN A 63 10.61 -4.84 11.17
C ASN A 63 10.76 -6.23 10.56
N CYS A 64 9.87 -6.60 9.65
CA CYS A 64 9.95 -7.91 9.02
C CYS A 64 11.15 -8.00 8.09
N GLN A 65 11.69 -9.21 7.93
CA GLN A 65 12.82 -9.44 7.04
C GLN A 65 12.45 -9.00 5.63
N GLN A 66 13.26 -8.12 5.06
CA GLN A 66 12.96 -7.59 3.74
C GLN A 66 14.16 -7.04 3.01
N TYR A 67 13.99 -6.88 1.71
CA TYR A 67 15.00 -6.32 0.85
C TYR A 67 15.13 -4.86 1.26
N VAL A 68 16.36 -4.41 1.45
CA VAL A 68 16.62 -3.03 1.84
C VAL A 68 17.23 -2.23 0.69
N ASP A 69 16.61 -1.10 0.37
CA ASP A 69 17.08 -0.24 -0.70
C ASP A 69 18.39 0.42 -0.32
N GLU A 70 19.42 0.20 -1.14
CA GLU A 70 20.74 0.79 -0.92
C GLU A 70 21.23 1.54 -2.16
N GLN A 71 20.30 1.91 -3.03
CA GLN A 71 20.61 2.64 -4.25
C GLN A 71 21.30 3.98 -3.99
N PHE A 72 20.85 4.67 -2.95
CA PHE A 72 21.39 5.97 -2.61
C PHE A 72 21.75 6.02 -1.12
N PRO A 73 22.84 5.34 -0.73
CA PRO A 73 23.28 5.30 0.67
C PRO A 73 23.38 6.70 1.25
N GLY A 74 22.73 6.88 2.40
CA GLY A 74 22.72 8.18 3.07
C GLY A 74 21.66 9.15 2.59
N PHE A 75 20.97 8.82 1.50
CA PHE A 75 19.93 9.68 0.94
C PHE A 75 18.64 9.47 1.71
N SER A 76 18.14 10.54 2.33
CA SER A 76 16.91 10.47 3.11
C SER A 76 15.69 10.06 2.29
N GLY A 77 15.60 10.59 1.08
CA GLY A 77 14.47 10.28 0.20
C GLY A 77 14.22 8.80 0.01
N SER A 78 15.28 8.00 0.06
CA SER A 78 15.15 6.57 -0.10
C SER A 78 15.21 5.82 1.22
N GLU A 79 16.07 6.26 2.13
CA GLU A 79 16.23 5.61 3.41
C GLU A 79 15.07 5.83 4.37
N MET A 80 14.24 6.83 4.09
CA MET A 80 13.09 7.12 4.93
C MET A 80 12.04 6.01 4.80
N TRP A 81 12.24 5.13 3.82
CA TRP A 81 11.34 4.01 3.56
C TRP A 81 11.94 2.70 4.04
N ASN A 82 13.24 2.70 4.29
CA ASN A 82 13.95 1.50 4.75
C ASN A 82 13.65 1.19 6.20
N PRO A 83 13.85 -0.08 6.61
CA PRO A 83 13.58 -0.48 8.00
C PRO A 83 14.41 0.41 8.93
N ASN A 84 13.80 0.84 10.02
CA ASN A 84 14.49 1.69 10.98
C ASN A 84 14.60 0.99 12.33
N ARG A 85 14.39 -0.33 12.32
CA ARG A 85 14.49 -1.17 13.52
C ARG A 85 15.18 -2.45 13.04
N GLU A 86 15.64 -3.28 13.96
CA GLU A 86 16.28 -4.53 13.57
C GLU A 86 15.24 -5.37 12.83
N MET A 87 15.63 -6.00 11.73
CA MET A 87 14.71 -6.84 10.99
C MET A 87 14.67 -8.18 11.69
N SER A 88 13.53 -8.86 11.62
CA SER A 88 13.36 -10.14 12.26
C SER A 88 12.13 -10.83 11.73
N GLU A 89 12.16 -12.16 11.69
CA GLU A 89 11.02 -12.93 11.25
C GLU A 89 9.94 -12.80 12.32
N ASP A 90 10.37 -12.46 13.54
CA ASP A 90 9.45 -12.23 14.64
C ASP A 90 9.13 -10.74 14.48
N CYS A 91 8.09 -10.46 13.70
CA CYS A 91 7.74 -9.08 13.41
C CYS A 91 6.25 -8.80 13.33
N LEU A 92 5.43 -9.74 13.76
CA LEU A 92 3.99 -9.54 13.70
C LEU A 92 3.47 -8.82 14.93
N TYR A 93 3.62 -7.50 14.89
CA TYR A 93 3.20 -6.64 15.99
C TYR A 93 2.40 -5.46 15.45
N LEU A 94 1.70 -4.78 16.34
CA LEU A 94 0.92 -3.62 15.95
C LEU A 94 1.15 -2.49 16.96
N ASN A 95 0.94 -1.25 16.49
CA ASN A 95 1.13 -0.06 17.31
C ASN A 95 -0.18 0.69 17.38
N ILE A 96 -0.48 1.27 18.54
CA ILE A 96 -1.72 2.00 18.73
C ILE A 96 -1.47 3.34 19.38
N TRP A 97 -2.04 4.39 18.78
CA TRP A 97 -1.93 5.73 19.33
C TRP A 97 -3.33 6.06 19.86
N VAL A 98 -3.42 6.28 21.16
CA VAL A 98 -4.70 6.57 21.81
C VAL A 98 -4.76 7.97 22.41
N PRO A 99 -5.78 8.76 22.04
CA PRO A 99 -5.93 10.11 22.55
C PRO A 99 -5.98 10.12 24.09
N SER A 100 -5.52 11.21 24.68
CA SER A 100 -5.51 11.35 26.13
C SER A 100 -6.38 12.56 26.49
N PRO A 101 -7.41 12.36 27.35
CA PRO A 101 -7.85 11.13 28.03
C PRO A 101 -8.30 10.03 27.08
N ARG A 102 -8.13 8.78 27.50
CA ARG A 102 -8.53 7.64 26.69
C ARG A 102 -9.99 7.80 26.30
N PRO A 103 -10.29 7.78 24.99
CA PRO A 103 -11.69 7.91 24.55
C PRO A 103 -12.53 6.71 25.00
N LYS A 104 -13.84 6.80 24.83
CA LYS A 104 -14.72 5.71 25.23
C LYS A 104 -15.08 4.79 24.07
N SER A 105 -15.40 5.38 22.93
CA SER A 105 -15.76 4.59 21.75
C SER A 105 -15.66 5.50 20.54
N THR A 106 -14.44 5.81 20.15
CA THR A 106 -14.19 6.69 19.02
C THR A 106 -13.70 5.94 17.78
N THR A 107 -13.81 6.61 16.63
CA THR A 107 -13.39 6.05 15.35
C THR A 107 -11.96 5.49 15.37
N VAL A 108 -11.81 4.34 14.74
CA VAL A 108 -10.52 3.65 14.65
C VAL A 108 -10.05 3.62 13.19
N MET A 109 -8.77 3.89 12.99
CA MET A 109 -8.17 3.85 11.66
C MET A 109 -7.00 2.90 11.72
N VAL A 110 -6.96 1.92 10.81
CA VAL A 110 -5.88 0.95 10.77
C VAL A 110 -5.05 1.12 9.49
N TRP A 111 -3.79 1.52 9.67
CA TRP A 111 -2.88 1.76 8.57
C TRP A 111 -2.16 0.47 8.11
N ILE A 112 -2.17 0.25 6.80
CA ILE A 112 -1.50 -0.91 6.19
C ILE A 112 -0.43 -0.33 5.25
N TYR A 113 0.84 -0.48 5.62
CA TYR A 113 1.96 0.04 4.82
C TYR A 113 2.12 -0.58 3.44
N GLY A 114 2.71 0.19 2.52
CA GLY A 114 2.95 -0.29 1.17
C GLY A 114 4.37 -0.80 1.05
N GLY A 115 4.86 -0.95 -0.18
CA GLY A 115 6.21 -1.44 -0.39
C GLY A 115 6.26 -2.62 -1.36
N GLY A 116 5.31 -2.65 -2.29
CA GLY A 116 5.24 -3.70 -3.29
C GLY A 116 5.15 -5.13 -2.77
N PHE A 117 4.72 -5.29 -1.52
CA PHE A 117 4.60 -6.61 -0.89
C PHE A 117 5.98 -7.25 -0.65
N TYR A 118 7.05 -6.52 -0.97
CA TYR A 118 8.42 -7.03 -0.77
C TYR A 118 9.16 -6.25 0.30
N SER A 119 8.54 -5.18 0.78
CA SER A 119 9.14 -4.35 1.82
C SER A 119 8.06 -3.58 2.55
N GLY A 120 8.46 -2.82 3.56
CA GLY A 120 7.52 -2.04 4.33
C GLY A 120 7.70 -2.17 5.82
N SER A 121 7.47 -1.07 6.54
CA SER A 121 7.60 -1.04 7.98
C SER A 121 6.50 -0.18 8.56
N SER A 122 6.01 -0.55 9.73
CA SER A 122 4.95 0.22 10.39
C SER A 122 5.58 1.28 11.29
N THR A 123 6.88 1.12 11.51
CA THR A 123 7.65 1.99 12.38
C THR A 123 8.29 3.23 11.74
N LEU A 124 8.10 3.42 10.43
CA LEU A 124 8.68 4.58 9.74
C LEU A 124 8.22 5.90 10.34
N ASP A 125 9.06 6.92 10.24
CA ASP A 125 8.75 8.24 10.77
C ASP A 125 7.50 8.83 10.13
N VAL A 126 7.32 8.63 8.82
CA VAL A 126 6.15 9.16 8.13
C VAL A 126 4.87 8.44 8.50
N TYR A 127 5.00 7.33 9.22
CA TYR A 127 3.83 6.56 9.64
C TYR A 127 3.49 6.81 11.11
N ASN A 128 4.16 7.77 11.75
CA ASN A 128 3.90 8.08 13.15
C ASN A 128 2.45 8.55 13.32
N GLY A 129 1.64 7.69 13.94
CA GLY A 129 0.22 7.98 14.15
C GLY A 129 -0.12 9.04 15.17
N LYS A 130 0.93 9.54 15.83
CA LYS A 130 0.85 10.56 16.85
C LYS A 130 -0.01 11.78 16.47
N TYR A 131 0.35 12.41 15.36
CA TYR A 131 -0.32 13.62 14.87
C TYR A 131 -1.77 13.47 14.44
N LEU A 132 -2.09 12.38 13.78
CA LEU A 132 -3.44 12.11 13.29
C LEU A 132 -4.36 11.71 14.45
N ALA A 133 -3.86 10.86 15.34
CA ALA A 133 -4.63 10.41 16.49
C ALA A 133 -4.99 11.62 17.36
N TYR A 134 -3.98 12.46 17.61
CA TYR A 134 -4.14 13.66 18.41
C TYR A 134 -5.04 14.70 17.76
N THR A 135 -4.70 15.08 16.53
CA THR A 135 -5.44 16.12 15.81
C THR A 135 -6.89 15.77 15.49
N GLU A 136 -7.12 14.51 15.16
CA GLU A 136 -8.46 14.08 14.78
C GLU A 136 -9.25 13.29 15.80
N GLU A 137 -8.66 13.05 16.97
CA GLU A 137 -9.32 12.31 18.05
C GLU A 137 -9.72 10.92 17.59
N VAL A 138 -8.79 10.18 17.00
CA VAL A 138 -9.05 8.81 16.54
C VAL A 138 -8.04 7.86 17.14
N VAL A 139 -8.42 6.60 17.27
CA VAL A 139 -7.48 5.60 17.78
C VAL A 139 -6.81 5.09 16.50
N LEU A 140 -5.56 5.47 16.31
CA LEU A 140 -4.84 5.05 15.12
C LEU A 140 -4.00 3.82 15.37
N VAL A 141 -4.24 2.80 14.56
CA VAL A 141 -3.51 1.54 14.65
C VAL A 141 -2.70 1.35 13.36
N SER A 142 -1.50 0.81 13.49
CA SER A 142 -0.68 0.49 12.34
C SER A 142 -0.26 -0.95 12.56
N LEU A 143 -0.62 -1.80 11.61
CA LEU A 143 -0.29 -3.22 11.69
C LEU A 143 0.98 -3.55 10.90
N SER A 144 1.38 -4.81 10.93
CA SER A 144 2.54 -5.27 10.19
C SER A 144 2.18 -6.61 9.58
N TYR A 145 2.92 -6.99 8.55
CA TYR A 145 2.69 -8.25 7.86
C TYR A 145 3.96 -8.69 7.14
N ARG A 146 4.08 -9.99 6.96
CA ARG A 146 5.23 -10.55 6.28
C ARG A 146 5.23 -10.18 4.81
N VAL A 147 6.40 -9.72 4.35
CA VAL A 147 6.59 -9.32 2.96
C VAL A 147 7.58 -10.28 2.31
N GLY A 148 7.81 -10.12 1.02
CA GLY A 148 8.73 -10.99 0.32
C GLY A 148 8.26 -12.43 0.33
N ALA A 149 9.21 -13.34 0.17
CA ALA A 149 8.92 -14.78 0.17
C ALA A 149 8.28 -15.20 1.48
N PHE A 150 8.70 -14.56 2.57
CA PHE A 150 8.19 -14.84 3.92
C PHE A 150 6.69 -14.68 4.01
N GLY A 151 6.15 -13.67 3.32
CA GLY A 151 4.73 -13.46 3.38
C GLY A 151 3.97 -13.89 2.13
N PHE A 152 4.67 -14.14 1.03
CA PHE A 152 3.97 -14.49 -0.19
C PHE A 152 4.46 -15.63 -1.05
N LEU A 153 5.40 -16.42 -0.53
CA LEU A 153 5.90 -17.59 -1.26
C LEU A 153 4.65 -18.46 -1.43
N ALA A 154 4.31 -18.81 -2.67
CA ALA A 154 3.11 -19.59 -2.92
C ALA A 154 3.25 -20.92 -3.64
N LEU A 155 3.07 -22.00 -2.90
CA LEU A 155 3.10 -23.35 -3.48
C LEU A 155 1.70 -23.90 -3.24
N HIS A 156 0.75 -23.33 -3.97
CA HIS A 156 -0.66 -23.70 -3.88
C HIS A 156 -0.92 -25.20 -3.83
N GLY A 157 -1.72 -25.61 -2.85
CA GLY A 157 -2.04 -27.01 -2.65
C GLY A 157 -1.32 -27.50 -1.40
N SER A 158 -0.27 -26.79 -1.02
CA SER A 158 0.52 -27.10 0.17
C SER A 158 -0.02 -26.38 1.40
N GLN A 159 0.03 -27.02 2.55
CA GLN A 159 -0.44 -26.41 3.77
C GLN A 159 0.69 -25.62 4.42
N GLU A 160 1.93 -25.97 4.07
CA GLU A 160 3.11 -25.32 4.63
C GLU A 160 3.39 -23.93 4.05
N ALA A 161 3.08 -23.76 2.76
CA ALA A 161 3.28 -22.48 2.09
C ALA A 161 2.17 -22.31 1.05
N PRO A 162 0.95 -22.01 1.53
CA PRO A 162 -0.21 -21.83 0.65
C PRO A 162 -0.18 -20.51 -0.13
N GLY A 163 0.57 -19.54 0.37
CA GLY A 163 0.64 -18.23 -0.24
C GLY A 163 -0.37 -17.35 0.47
N ASN A 164 -0.28 -16.04 0.24
CA ASN A 164 -1.20 -15.07 0.85
C ASN A 164 -1.10 -14.94 2.37
N VAL A 165 -0.09 -15.57 2.97
CA VAL A 165 0.08 -15.53 4.42
C VAL A 165 0.31 -14.12 4.97
N GLY A 166 0.89 -13.24 4.15
CA GLY A 166 1.12 -11.86 4.56
C GLY A 166 -0.22 -11.14 4.68
N LEU A 167 -1.16 -11.52 3.81
CA LEU A 167 -2.51 -10.94 3.83
C LEU A 167 -3.26 -11.43 5.06
N LEU A 168 -3.00 -12.68 5.46
CA LEU A 168 -3.63 -13.26 6.63
C LEU A 168 -3.10 -12.61 7.91
N ASP A 169 -1.85 -12.14 7.86
CA ASP A 169 -1.24 -11.44 9.01
C ASP A 169 -2.05 -10.16 9.21
N GLN A 170 -2.32 -9.47 8.09
CA GLN A 170 -3.09 -8.24 8.12
C GLN A 170 -4.44 -8.53 8.73
N ARG A 171 -5.08 -9.58 8.23
CA ARG A 171 -6.40 -10.00 8.70
C ARG A 171 -6.40 -10.31 10.20
N MET A 172 -5.37 -10.99 10.67
CA MET A 172 -5.27 -11.32 12.08
C MET A 172 -5.12 -10.07 12.92
N ALA A 173 -4.36 -9.10 12.41
CA ALA A 173 -4.18 -7.84 13.11
C ALA A 173 -5.54 -7.16 13.17
N LEU A 174 -6.29 -7.23 12.08
CA LEU A 174 -7.62 -6.63 12.00
C LEU A 174 -8.56 -7.34 12.98
N GLN A 175 -8.36 -8.66 13.13
CA GLN A 175 -9.16 -9.47 14.04
C GLN A 175 -8.88 -9.03 15.48
N TRP A 176 -7.60 -8.81 15.78
CA TRP A 176 -7.20 -8.39 17.12
C TRP A 176 -7.75 -7.01 17.44
N VAL A 177 -7.82 -6.14 16.44
CA VAL A 177 -8.37 -4.79 16.63
C VAL A 177 -9.87 -4.93 16.89
N HIS A 178 -10.50 -5.85 16.17
CA HIS A 178 -11.92 -6.09 16.31
C HIS A 178 -12.24 -6.52 17.73
N ASP A 179 -11.43 -7.43 18.25
CA ASP A 179 -11.62 -7.97 19.59
C ASP A 179 -11.11 -7.17 20.77
N ASN A 180 -10.15 -6.28 20.56
CA ASN A 180 -9.57 -5.54 21.68
C ASN A 180 -9.55 -4.03 21.65
N ILE A 181 -9.70 -3.43 20.48
CA ILE A 181 -9.64 -1.97 20.38
C ILE A 181 -10.61 -1.23 21.31
N GLN A 182 -11.65 -1.92 21.76
CA GLN A 182 -12.63 -1.31 22.65
C GLN A 182 -11.97 -0.94 23.97
N PHE A 183 -10.99 -1.74 24.38
CA PHE A 183 -10.28 -1.49 25.62
C PHE A 183 -9.37 -0.27 25.59
N PHE A 184 -9.10 0.24 24.39
CA PHE A 184 -8.26 1.43 24.23
C PHE A 184 -9.15 2.63 23.96
N GLY A 185 -10.45 2.39 23.96
CA GLY A 185 -11.40 3.46 23.72
C GLY A 185 -11.86 3.52 22.27
N GLY A 186 -11.43 2.53 21.50
CA GLY A 186 -11.81 2.50 20.10
C GLY A 186 -13.12 1.79 19.88
N ASP A 187 -13.86 2.24 18.88
CA ASP A 187 -15.13 1.64 18.52
C ASP A 187 -14.88 0.61 17.41
N PRO A 188 -14.96 -0.68 17.74
CA PRO A 188 -14.74 -1.77 16.78
C PRO A 188 -15.74 -1.80 15.63
N LYS A 189 -16.86 -1.11 15.81
CA LYS A 189 -17.90 -1.04 14.79
C LYS A 189 -17.58 0.04 13.77
N THR A 190 -16.57 0.86 14.07
CA THR A 190 -16.21 1.94 13.16
C THR A 190 -14.70 1.94 12.90
N VAL A 191 -14.25 0.89 12.25
CA VAL A 191 -12.84 0.72 11.90
C VAL A 191 -12.65 0.94 10.41
N THR A 192 -11.82 1.91 10.07
CA THR A 192 -11.51 2.18 8.67
C THR A 192 -10.10 1.68 8.40
N ILE A 193 -9.96 0.78 7.44
CA ILE A 193 -8.63 0.33 7.09
C ILE A 193 -8.14 1.22 5.95
N PHE A 194 -6.92 1.72 6.06
CA PHE A 194 -6.37 2.57 5.02
C PHE A 194 -4.91 2.24 4.77
N GLY A 195 -4.51 2.28 3.51
CA GLY A 195 -3.14 1.96 3.15
C GLY A 195 -2.74 2.58 1.83
N GLU A 196 -1.43 2.58 1.58
CA GLU A 196 -0.88 3.16 0.37
C GLU A 196 -0.09 2.14 -0.45
N SER A 197 -0.20 2.22 -1.78
CA SER A 197 0.50 1.32 -2.67
C SER A 197 0.04 -0.13 -2.45
N ALA A 198 0.94 -1.03 -2.04
CA ALA A 198 0.59 -2.42 -1.77
C ALA A 198 -0.40 -2.48 -0.60
N GLY A 199 -0.36 -1.45 0.25
CA GLY A 199 -1.26 -1.35 1.38
C GLY A 199 -2.65 -0.97 0.88
N GLY A 200 -2.69 -0.15 -0.16
CA GLY A 200 -3.95 0.25 -0.76
C GLY A 200 -4.53 -0.94 -1.50
N ALA A 201 -3.66 -1.70 -2.16
CA ALA A 201 -4.08 -2.90 -2.88
C ALA A 201 -4.65 -3.88 -1.86
N SER A 202 -3.94 -4.01 -0.73
CA SER A 202 -4.34 -4.88 0.37
C SER A 202 -5.73 -4.52 0.88
N VAL A 203 -5.98 -3.22 1.05
CA VAL A 203 -7.27 -2.72 1.52
C VAL A 203 -8.37 -3.22 0.59
N GLY A 204 -8.15 -3.09 -0.71
CA GLY A 204 -9.13 -3.55 -1.68
C GLY A 204 -9.27 -5.06 -1.67
N MET A 205 -8.17 -5.75 -1.34
CA MET A 205 -8.18 -7.21 -1.29
C MET A 205 -8.97 -7.70 -0.10
N HIS A 206 -9.00 -6.93 0.98
CA HIS A 206 -9.78 -7.29 2.18
C HIS A 206 -11.25 -7.00 1.92
N ILE A 207 -11.51 -6.00 1.07
CA ILE A 207 -12.87 -5.66 0.68
C ILE A 207 -13.40 -6.82 -0.15
N LEU A 208 -12.53 -7.41 -0.97
CA LEU A 208 -12.90 -8.53 -1.82
C LEU A 208 -13.03 -9.86 -1.08
N SER A 209 -12.02 -10.20 -0.28
CA SER A 209 -12.00 -11.46 0.46
C SER A 209 -13.06 -11.56 1.54
N PRO A 210 -13.94 -12.57 1.42
CA PRO A 210 -15.05 -12.87 2.34
C PRO A 210 -14.57 -12.99 3.78
N GLY A 211 -13.41 -13.62 3.95
CA GLY A 211 -12.86 -13.81 5.28
C GLY A 211 -12.36 -12.56 5.96
N SER A 212 -12.37 -11.42 5.25
CA SER A 212 -11.89 -10.17 5.84
C SER A 212 -12.97 -9.11 5.97
N ARG A 213 -13.96 -9.16 5.09
CA ARG A 213 -15.04 -8.18 5.05
C ARG A 213 -15.66 -7.75 6.37
N ASP A 214 -15.96 -8.71 7.23
CA ASP A 214 -16.60 -8.41 8.52
C ASP A 214 -15.70 -7.73 9.53
N LEU A 215 -14.39 -7.70 9.28
CA LEU A 215 -13.44 -7.11 10.21
C LEU A 215 -13.26 -5.59 10.18
N PHE A 216 -13.98 -4.90 9.29
CA PHE A 216 -13.85 -3.44 9.21
C PHE A 216 -15.10 -2.81 8.65
N ARG A 217 -15.22 -1.51 8.85
CA ARG A 217 -16.38 -0.74 8.41
C ARG A 217 -16.22 -0.06 7.05
N ARG A 218 -15.19 0.77 6.92
CA ARG A 218 -14.94 1.52 5.70
C ARG A 218 -13.49 1.32 5.26
N ALA A 219 -13.15 1.85 4.08
CA ALA A 219 -11.80 1.72 3.55
C ALA A 219 -11.29 2.92 2.75
N ILE A 220 -9.98 3.13 2.84
CA ILE A 220 -9.27 4.19 2.12
C ILE A 220 -8.11 3.53 1.35
N LEU A 221 -8.08 3.78 0.04
CA LEU A 221 -7.02 3.23 -0.80
C LEU A 221 -6.25 4.37 -1.47
N GLN A 222 -4.95 4.44 -1.17
CA GLN A 222 -4.08 5.46 -1.73
C GLN A 222 -3.09 4.83 -2.71
N SER A 223 -3.18 5.22 -3.98
CA SER A 223 -2.29 4.72 -5.04
C SER A 223 -2.15 3.20 -5.02
N GLY A 224 -3.26 2.50 -4.90
CA GLY A 224 -3.23 1.05 -4.86
C GLY A 224 -4.61 0.49 -5.11
N SER A 225 -4.64 -0.62 -5.83
CA SER A 225 -5.87 -1.28 -6.20
C SER A 225 -5.61 -2.76 -6.14
N PRO A 226 -6.61 -3.56 -5.73
CA PRO A 226 -6.37 -5.01 -5.66
C PRO A 226 -6.06 -5.59 -7.04
N ASN A 227 -6.56 -4.93 -8.08
CA ASN A 227 -6.36 -5.34 -9.47
C ASN A 227 -5.12 -4.80 -10.16
N CYS A 228 -4.24 -4.13 -9.43
CA CYS A 228 -3.03 -3.61 -10.05
C CYS A 228 -2.25 -4.79 -10.64
N PRO A 229 -1.65 -4.63 -11.83
CA PRO A 229 -0.88 -5.67 -12.51
C PRO A 229 0.29 -6.28 -11.74
N TRP A 230 0.76 -5.56 -10.72
CA TRP A 230 1.87 -6.02 -9.91
C TRP A 230 1.45 -6.59 -8.54
N ALA A 231 0.18 -6.42 -8.19
CA ALA A 231 -0.34 -6.85 -6.89
C ALA A 231 -0.73 -8.31 -6.71
N SER A 232 -0.78 -9.10 -7.78
CA SER A 232 -1.11 -10.52 -7.65
C SER A 232 -0.62 -11.34 -8.83
N VAL A 233 -0.52 -12.65 -8.62
CA VAL A 233 -0.09 -13.58 -9.66
C VAL A 233 -0.97 -14.82 -9.58
N SER A 234 -0.98 -15.59 -10.66
CA SER A 234 -1.75 -16.81 -10.71
C SER A 234 -1.05 -17.82 -9.81
N VAL A 235 -1.73 -18.90 -9.44
CA VAL A 235 -1.13 -19.92 -8.60
C VAL A 235 0.00 -20.62 -9.38
N ALA A 236 -0.14 -20.68 -10.70
CA ALA A 236 0.87 -21.31 -11.55
C ALA A 236 2.15 -20.48 -11.51
N GLU A 237 1.99 -19.17 -11.67
CA GLU A 237 3.13 -18.26 -11.66
C GLU A 237 3.79 -18.24 -10.28
N GLY A 238 2.97 -18.31 -9.23
CA GLY A 238 3.49 -18.32 -7.88
C GLY A 238 4.32 -19.56 -7.62
N ARG A 239 3.83 -20.71 -8.09
CA ARG A 239 4.53 -21.98 -7.93
C ARG A 239 5.84 -21.94 -8.72
N ARG A 240 5.75 -21.38 -9.93
CA ARG A 240 6.90 -21.23 -10.81
C ARG A 240 8.03 -20.47 -10.09
N ARG A 241 7.68 -19.31 -9.51
CA ARG A 241 8.65 -18.48 -8.80
C ARG A 241 9.17 -19.11 -7.52
N ALA A 242 8.33 -19.90 -6.86
CA ALA A 242 8.71 -20.57 -5.61
C ALA A 242 9.80 -21.59 -5.90
N VAL A 243 9.60 -22.32 -7.00
CA VAL A 243 10.55 -23.34 -7.44
C VAL A 243 11.87 -22.70 -7.89
N GLU A 244 11.76 -21.61 -8.64
CA GLU A 244 12.93 -20.87 -9.14
C GLU A 244 13.73 -20.31 -7.97
N LEU A 245 13.03 -19.93 -6.89
CA LEU A 245 13.69 -19.40 -5.70
C LEU A 245 14.48 -20.54 -5.09
N GLY A 246 13.86 -21.71 -5.02
CA GLY A 246 14.53 -22.88 -4.47
C GLY A 246 15.71 -23.28 -5.34
N ARG A 247 15.54 -23.10 -6.65
CA ARG A 247 16.59 -23.42 -7.61
C ARG A 247 17.79 -22.48 -7.39
N ASN A 248 17.49 -21.24 -6.99
CA ASN A 248 18.51 -20.23 -6.71
C ASN A 248 19.27 -20.57 -5.44
N LEU A 249 18.62 -21.31 -4.54
CA LEU A 249 19.23 -21.68 -3.27
C LEU A 249 19.64 -23.15 -3.20
N ASN A 250 19.76 -23.78 -4.36
CA ASN A 250 20.16 -25.18 -4.47
C ASN A 250 19.31 -26.08 -3.58
N CYS A 251 18.00 -26.03 -3.82
CA CYS A 251 17.06 -26.83 -3.05
C CYS A 251 16.68 -28.08 -3.81
N ASN A 252 16.28 -29.11 -3.05
CA ASN A 252 15.82 -30.36 -3.62
C ASN A 252 14.47 -29.95 -4.17
N LEU A 253 14.31 -30.01 -5.50
CA LEU A 253 13.06 -29.60 -6.11
C LEU A 253 12.14 -30.76 -6.48
N ASN A 254 12.36 -31.93 -5.89
CA ASN A 254 11.55 -33.10 -6.21
C ASN A 254 10.13 -33.07 -5.64
N SER A 255 9.93 -32.34 -4.54
CA SER A 255 8.61 -32.23 -3.91
C SER A 255 8.44 -30.89 -3.21
N ASP A 256 7.19 -30.50 -2.95
CA ASP A 256 6.93 -29.25 -2.26
C ASP A 256 7.47 -29.34 -0.85
N GLU A 257 7.39 -30.55 -0.28
CA GLU A 257 7.86 -30.82 1.07
C GLU A 257 9.36 -30.57 1.19
N GLU A 258 10.10 -31.02 0.19
CA GLU A 258 11.55 -30.84 0.18
C GLU A 258 11.97 -29.41 -0.18
N LEU A 259 11.18 -28.75 -1.03
CA LEU A 259 11.46 -27.38 -1.43
C LEU A 259 11.24 -26.49 -0.20
N ILE A 260 10.09 -26.65 0.43
CA ILE A 260 9.74 -25.88 1.61
C ILE A 260 10.68 -26.16 2.77
N HIS A 261 11.08 -27.42 2.95
CA HIS A 261 11.99 -27.75 4.05
C HIS A 261 13.32 -27.05 3.83
N CYS A 262 13.79 -27.07 2.58
CA CYS A 262 15.04 -26.43 2.22
C CYS A 262 14.97 -24.93 2.48
N LEU A 263 13.92 -24.30 1.94
CA LEU A 263 13.71 -22.86 2.09
C LEU A 263 13.63 -22.44 3.56
N ARG A 264 13.11 -23.32 4.41
CA ARG A 264 12.98 -23.01 5.82
C ARG A 264 14.31 -23.05 6.56
N GLU A 265 15.24 -23.86 6.04
CA GLU A 265 16.55 -23.98 6.66
C GLU A 265 17.45 -22.80 6.25
N LYS A 266 17.07 -22.07 5.20
CA LYS A 266 17.85 -20.94 4.74
C LYS A 266 17.67 -19.75 5.67
N LYS A 267 18.75 -19.02 5.91
CA LYS A 267 18.71 -17.84 6.75
C LYS A 267 17.87 -16.82 5.97
N PRO A 268 17.20 -15.91 6.68
CA PRO A 268 16.38 -14.90 6.01
C PRO A 268 17.06 -14.19 4.83
N GLN A 269 18.26 -13.66 5.09
CA GLN A 269 19.00 -12.93 4.07
C GLN A 269 19.32 -13.73 2.82
N GLU A 270 19.32 -15.06 2.94
CA GLU A 270 19.62 -15.92 1.80
C GLU A 270 18.49 -15.88 0.76
N LEU A 271 17.25 -15.81 1.25
CA LEU A 271 16.10 -15.75 0.36
C LEU A 271 16.02 -14.35 -0.24
N ILE A 272 16.33 -13.35 0.58
CA ILE A 272 16.31 -11.95 0.14
C ILE A 272 17.35 -11.69 -0.95
N ASP A 273 18.51 -12.32 -0.81
CA ASP A 273 19.60 -12.17 -1.78
C ASP A 273 19.24 -12.55 -3.20
N VAL A 274 18.50 -13.65 -3.35
CA VAL A 274 18.10 -14.14 -4.68
C VAL A 274 16.65 -13.83 -5.07
N GLU A 275 15.94 -13.13 -4.18
CA GLU A 275 14.55 -12.79 -4.38
C GLU A 275 14.14 -12.26 -5.76
N TRP A 276 14.92 -11.33 -6.28
CA TRP A 276 14.62 -10.73 -7.56
C TRP A 276 14.97 -11.57 -8.78
N ASN A 277 15.69 -12.66 -8.57
CA ASN A 277 16.10 -13.53 -9.68
C ASN A 277 14.96 -14.39 -10.22
N VAL A 278 13.82 -14.39 -9.55
CA VAL A 278 12.69 -15.22 -9.97
C VAL A 278 11.67 -14.57 -10.89
N LEU A 279 11.81 -13.26 -11.14
CA LEU A 279 10.87 -12.58 -12.02
C LEU A 279 10.93 -13.18 -13.42
N PRO A 280 9.77 -13.29 -14.09
CA PRO A 280 9.69 -13.86 -15.44
C PRO A 280 10.21 -12.99 -16.57
N PHE A 281 10.12 -11.68 -16.43
CA PHE A 281 10.56 -10.78 -17.49
C PHE A 281 11.50 -9.69 -17.03
N ASP A 282 12.19 -9.11 -18.00
CA ASP A 282 13.08 -7.98 -17.77
C ASP A 282 12.01 -6.90 -17.68
N SER A 283 11.75 -6.42 -16.47
CA SER A 283 10.69 -5.45 -16.28
C SER A 283 10.90 -4.51 -15.12
N ILE A 284 10.01 -3.54 -15.01
CA ILE A 284 10.01 -2.59 -13.92
C ILE A 284 8.60 -2.66 -13.36
N PHE A 285 8.47 -2.35 -12.07
CA PHE A 285 7.17 -2.36 -11.40
C PHE A 285 6.57 -3.76 -11.26
N ARG A 286 7.44 -4.76 -11.11
CA ARG A 286 7.00 -6.14 -10.92
C ARG A 286 7.81 -6.66 -9.76
N PHE A 287 7.13 -7.34 -8.84
CA PHE A 287 7.78 -7.86 -7.64
C PHE A 287 7.52 -9.35 -7.55
N SER A 288 8.54 -10.06 -7.08
CA SER A 288 8.50 -11.51 -7.00
C SER A 288 7.37 -12.20 -6.25
N PHE A 289 7.28 -11.93 -4.95
CA PHE A 289 6.25 -12.56 -4.11
C PHE A 289 5.14 -11.62 -3.69
N VAL A 290 4.01 -11.81 -4.35
CA VAL A 290 2.84 -11.00 -4.12
C VAL A 290 1.64 -11.93 -3.93
N PRO A 291 0.48 -11.39 -3.56
CA PRO A 291 -0.71 -12.20 -3.36
C PRO A 291 -0.99 -13.09 -4.57
N VAL A 292 -1.49 -14.29 -4.31
CA VAL A 292 -1.83 -15.24 -5.36
C VAL A 292 -3.35 -15.43 -5.40
N ILE A 293 -3.89 -15.59 -6.62
CA ILE A 293 -5.33 -15.80 -6.75
C ILE A 293 -5.54 -17.30 -6.50
N ASP A 294 -5.68 -17.66 -5.23
CA ASP A 294 -5.80 -19.04 -4.78
C ASP A 294 -7.15 -19.73 -4.73
N GLY A 295 -8.23 -18.98 -4.85
CA GLY A 295 -9.54 -19.59 -4.77
C GLY A 295 -9.99 -19.73 -3.32
N GLU A 296 -9.13 -19.39 -2.39
CA GLU A 296 -9.45 -19.39 -0.98
C GLU A 296 -9.64 -17.96 -0.46
N PHE A 297 -8.52 -17.24 -0.36
CA PHE A 297 -8.57 -15.84 0.06
C PHE A 297 -9.43 -15.08 -0.95
N PHE A 298 -9.14 -15.34 -2.23
CA PHE A 298 -9.90 -14.75 -3.33
C PHE A 298 -10.63 -15.93 -3.94
N PRO A 299 -11.96 -15.98 -3.78
CA PRO A 299 -12.82 -17.05 -4.31
C PRO A 299 -12.59 -17.31 -5.81
N THR A 300 -12.65 -16.25 -6.60
CA THR A 300 -12.43 -16.35 -8.04
C THR A 300 -11.57 -15.18 -8.47
N SER A 301 -11.43 -15.00 -9.79
CA SER A 301 -10.62 -13.92 -10.34
C SER A 301 -11.13 -12.58 -9.82
N LEU A 302 -10.20 -11.67 -9.60
CA LEU A 302 -10.55 -10.35 -9.09
C LEU A 302 -11.59 -9.72 -10.00
N GLU A 303 -11.38 -9.84 -11.30
CA GLU A 303 -12.29 -9.26 -12.28
C GLU A 303 -13.70 -9.78 -12.17
N SER A 304 -13.86 -11.10 -12.05
CA SER A 304 -15.20 -11.68 -11.94
C SER A 304 -15.86 -11.23 -10.64
N MET A 305 -15.06 -11.15 -9.57
CA MET A 305 -15.58 -10.71 -8.27
C MET A 305 -16.05 -9.26 -8.38
N LEU A 306 -15.29 -8.44 -9.09
CA LEU A 306 -15.63 -7.05 -9.29
C LEU A 306 -16.90 -6.90 -10.11
N ASN A 307 -17.00 -7.70 -11.17
CA ASN A 307 -18.16 -7.67 -12.05
C ASN A 307 -19.44 -8.10 -11.39
N SER A 308 -19.38 -9.19 -10.64
CA SER A 308 -20.54 -9.74 -9.97
C SER A 308 -20.93 -9.01 -8.70
N GLY A 309 -20.08 -8.11 -8.22
CA GLY A 309 -20.39 -7.41 -6.99
C GLY A 309 -20.07 -8.28 -5.79
N ASN A 310 -19.20 -9.28 -6.01
CA ASN A 310 -18.80 -10.18 -4.95
C ASN A 310 -17.69 -9.53 -4.11
N PHE A 311 -18.09 -8.56 -3.30
CA PHE A 311 -17.18 -7.83 -2.43
C PHE A 311 -17.96 -7.07 -1.37
N LYS A 312 -17.26 -6.55 -0.36
CA LYS A 312 -17.87 -5.80 0.72
C LYS A 312 -18.41 -4.50 0.20
N LYS A 313 -19.70 -4.28 0.42
CA LYS A 313 -20.34 -3.06 -0.04
C LYS A 313 -20.40 -2.09 1.13
N THR A 314 -19.65 -0.99 0.99
CA THR A 314 -19.57 0.04 2.01
C THR A 314 -19.07 1.31 1.33
N GLN A 315 -18.59 2.27 2.11
CA GLN A 315 -18.07 3.50 1.52
C GLN A 315 -16.55 3.40 1.40
N ILE A 316 -16.02 4.00 0.34
CA ILE A 316 -14.59 4.02 0.10
C ILE A 316 -14.14 5.41 -0.31
N LEU A 317 -12.92 5.74 0.09
CA LEU A 317 -12.29 7.01 -0.28
C LEU A 317 -10.95 6.56 -0.85
N LEU A 318 -10.68 6.94 -2.10
CA LEU A 318 -9.44 6.54 -2.74
C LEU A 318 -8.94 7.55 -3.77
N GLY A 319 -7.70 7.38 -4.18
CA GLY A 319 -7.13 8.28 -5.15
C GLY A 319 -5.70 7.94 -5.47
N VAL A 320 -5.10 8.78 -6.30
CA VAL A 320 -3.72 8.60 -6.73
C VAL A 320 -2.96 9.92 -6.69
N ASN A 321 -1.64 9.82 -6.85
CA ASN A 321 -0.77 10.98 -6.91
C ASN A 321 -0.49 11.22 -8.39
N LYS A 322 -0.17 12.46 -8.74
CA LYS A 322 0.08 12.82 -10.13
C LYS A 322 1.15 12.02 -10.86
N ASP A 323 2.30 11.80 -10.21
CA ASP A 323 3.38 11.08 -10.87
C ASP A 323 3.72 9.73 -10.26
N GLU A 324 2.93 8.74 -10.67
CA GLU A 324 3.02 7.35 -10.20
C GLU A 324 4.06 6.46 -10.87
N GLY A 325 4.82 6.99 -11.83
CA GLY A 325 5.80 6.15 -12.49
C GLY A 325 7.26 6.51 -12.28
N SER A 326 7.51 7.78 -11.95
CA SER A 326 8.88 8.27 -11.78
C SER A 326 9.81 7.43 -10.92
N PHE A 327 9.28 6.82 -9.87
CA PHE A 327 10.11 6.01 -8.98
C PHE A 327 10.72 4.78 -9.61
N PHE A 328 9.91 4.03 -10.34
CA PHE A 328 10.37 2.81 -10.96
C PHE A 328 11.18 3.03 -12.22
N LEU A 329 10.99 4.21 -12.83
CA LEU A 329 11.75 4.58 -14.01
C LEU A 329 13.16 4.94 -13.52
N LEU A 330 13.23 5.72 -12.45
CA LEU A 330 14.51 6.12 -11.86
C LEU A 330 15.33 4.88 -11.52
N TYR A 331 14.69 3.93 -10.84
CA TYR A 331 15.36 2.70 -10.43
C TYR A 331 15.63 1.65 -11.49
N GLY A 332 14.85 1.62 -12.56
CA GLY A 332 15.10 0.59 -13.56
C GLY A 332 15.16 0.92 -15.03
N ALA A 333 14.66 2.08 -15.42
CA ALA A 333 14.67 2.46 -16.83
C ALA A 333 15.95 3.15 -17.27
N PRO A 334 16.42 2.83 -18.48
CA PRO A 334 17.63 3.43 -19.01
C PRO A 334 17.44 4.93 -19.28
N GLY A 335 18.43 5.74 -18.92
CA GLY A 335 18.32 7.17 -19.14
C GLY A 335 17.89 7.98 -17.94
N PHE A 336 17.46 7.31 -16.88
CA PHE A 336 17.04 8.01 -15.69
C PHE A 336 18.09 7.93 -14.61
N SER A 337 18.31 9.04 -13.94
CA SER A 337 19.25 9.10 -12.84
C SER A 337 18.79 10.21 -11.90
N LYS A 338 19.00 9.98 -10.61
CA LYS A 338 18.58 10.91 -9.57
C LYS A 338 19.11 12.33 -9.73
N ASP A 339 20.37 12.45 -10.13
CA ASP A 339 21.01 13.76 -10.24
C ASP A 339 20.99 14.54 -11.56
N SER A 340 20.17 14.12 -12.50
CA SER A 340 20.05 14.83 -13.77
C SER A 340 18.56 14.97 -14.04
N GLU A 341 18.21 15.80 -15.02
CA GLU A 341 16.80 16.01 -15.37
C GLU A 341 16.19 14.82 -16.10
N SER A 342 17.04 13.82 -16.39
CA SER A 342 16.63 12.61 -17.06
C SER A 342 15.82 12.79 -18.34
N LYS A 343 16.29 13.66 -19.22
CA LYS A 343 15.62 13.89 -20.49
C LYS A 343 15.84 12.63 -21.32
N ILE A 344 14.74 12.00 -21.72
CA ILE A 344 14.79 10.75 -22.44
C ILE A 344 14.78 10.84 -23.97
N SER A 345 15.64 10.05 -24.59
CA SER A 345 15.75 9.99 -26.04
C SER A 345 14.68 9.04 -26.58
N ARG A 346 14.48 9.04 -27.89
CA ARG A 346 13.51 8.16 -28.53
C ARG A 346 13.89 6.71 -28.28
N GLU A 347 15.19 6.45 -28.27
CA GLU A 347 15.75 5.12 -28.07
C GLU A 347 15.42 4.59 -26.69
N ASP A 348 15.67 5.41 -25.67
CA ASP A 348 15.38 5.04 -24.29
C ASP A 348 13.89 5.02 -24.01
N PHE A 349 13.14 5.84 -24.74
CA PHE A 349 11.70 5.89 -24.55
C PHE A 349 11.14 4.52 -24.87
N MET A 350 11.52 3.98 -26.02
CA MET A 350 11.04 2.68 -26.46
C MET A 350 11.56 1.51 -25.61
N SER A 351 12.74 1.71 -25.04
CA SER A 351 13.26 0.70 -24.12
C SER A 351 12.45 0.67 -22.82
N GLY A 352 12.03 1.90 -22.44
CA GLY A 352 11.21 2.07 -21.26
C GLY A 352 9.85 1.45 -21.45
N VAL A 353 9.24 1.71 -22.61
CA VAL A 353 7.93 1.18 -22.94
C VAL A 353 7.95 -0.35 -22.84
N LYS A 354 9.03 -0.95 -23.34
CA LYS A 354 9.18 -2.40 -23.30
C LYS A 354 9.29 -2.91 -21.86
N LEU A 355 9.99 -2.16 -21.00
CA LEU A 355 10.13 -2.54 -19.60
C LEU A 355 8.82 -2.35 -18.83
N SER A 356 8.02 -1.39 -19.26
CA SER A 356 6.74 -1.07 -18.63
C SER A 356 5.61 -2.04 -18.90
N VAL A 357 5.56 -2.57 -20.11
CA VAL A 357 4.53 -3.52 -20.49
C VAL A 357 5.24 -4.84 -20.81
N PRO A 358 5.74 -5.53 -19.77
CA PRO A 358 6.47 -6.80 -19.79
C PRO A 358 6.11 -7.82 -20.86
N HIS A 359 4.88 -8.33 -20.89
CA HIS A 359 4.58 -9.30 -21.93
C HIS A 359 3.59 -8.80 -22.97
N ALA A 360 3.99 -7.74 -23.65
CA ALA A 360 3.20 -7.15 -24.71
C ALA A 360 3.95 -7.46 -26.00
N ASN A 361 3.23 -7.87 -27.03
CA ASN A 361 3.86 -8.15 -28.31
C ASN A 361 4.23 -6.83 -28.97
N ASP A 362 4.95 -6.90 -30.09
CA ASP A 362 5.37 -5.71 -30.81
C ASP A 362 4.21 -4.77 -31.08
N LEU A 363 3.08 -5.33 -31.50
CA LEU A 363 1.90 -4.53 -31.79
C LEU A 363 1.44 -3.81 -30.53
N GLY A 364 1.47 -4.52 -29.40
CA GLY A 364 1.07 -3.92 -28.14
C GLY A 364 1.99 -2.77 -27.80
N LEU A 365 3.29 -3.00 -27.96
CA LEU A 365 4.28 -1.97 -27.69
C LEU A 365 4.07 -0.77 -28.60
N ASP A 366 3.66 -1.01 -29.85
CA ASP A 366 3.41 0.06 -30.81
C ASP A 366 2.18 0.86 -30.40
N ALA A 367 1.17 0.17 -29.90
CA ALA A 367 -0.07 0.81 -29.47
C ALA A 367 0.26 1.78 -28.34
N VAL A 368 1.10 1.34 -27.39
CA VAL A 368 1.49 2.17 -26.25
C VAL A 368 2.28 3.39 -26.71
N THR A 369 3.28 3.18 -27.55
CA THR A 369 4.12 4.25 -28.05
C THR A 369 3.32 5.32 -28.81
N LEU A 370 2.48 4.87 -29.74
CA LEU A 370 1.65 5.79 -30.52
C LEU A 370 0.77 6.59 -29.59
N GLN A 371 0.19 5.89 -28.62
CA GLN A 371 -0.72 6.47 -27.64
C GLN A 371 -0.05 7.58 -26.84
N TYR A 372 1.23 7.39 -26.52
CA TYR A 372 1.98 8.35 -25.71
C TYR A 372 3.04 9.16 -26.43
N THR A 373 3.02 9.18 -27.77
CA THR A 373 4.01 9.95 -28.50
C THR A 373 3.44 11.13 -29.28
N ASP A 374 4.09 12.28 -29.10
CA ASP A 374 3.73 13.50 -29.80
C ASP A 374 4.63 13.51 -31.05
N TRP A 375 4.06 13.09 -32.18
CA TRP A 375 4.80 13.02 -33.44
C TRP A 375 5.17 14.34 -34.09
N MET A 376 4.83 15.45 -33.43
CA MET A 376 5.16 16.77 -33.91
C MET A 376 6.45 17.21 -33.22
N ASP A 377 6.80 16.53 -32.14
CA ASP A 377 7.97 16.84 -31.32
C ASP A 377 8.44 15.57 -30.60
N ASP A 378 8.67 14.51 -31.36
CA ASP A 378 9.07 13.20 -30.82
C ASP A 378 10.45 13.03 -30.17
N ASN A 379 11.34 14.00 -30.35
CA ASN A 379 12.67 13.91 -29.75
C ASN A 379 12.79 14.75 -28.49
N ASN A 380 11.67 15.37 -28.10
CA ASN A 380 11.64 16.20 -26.90
C ASN A 380 11.96 15.30 -25.71
N GLY A 381 13.12 15.50 -25.12
CA GLY A 381 13.55 14.70 -23.99
C GLY A 381 12.67 14.79 -22.76
N ILE A 382 12.09 15.96 -22.55
CA ILE A 382 11.21 16.18 -21.41
C ILE A 382 9.87 15.50 -21.66
N LYS A 383 9.38 15.59 -22.90
CA LYS A 383 8.13 14.95 -23.27
C LYS A 383 8.26 13.43 -23.24
N ASN A 384 9.42 12.93 -23.65
CA ASN A 384 9.69 11.49 -23.64
C ASN A 384 9.80 11.00 -22.21
N ARG A 385 10.38 11.83 -21.35
CA ARG A 385 10.54 11.49 -19.95
C ARG A 385 9.16 11.46 -19.27
N ASP A 386 8.39 12.53 -19.44
CA ASP A 386 7.07 12.62 -18.85
C ASP A 386 6.11 11.62 -19.45
N GLY A 387 6.33 11.29 -20.72
CA GLY A 387 5.51 10.31 -21.42
C GLY A 387 5.68 8.95 -20.77
N LEU A 388 6.91 8.63 -20.38
CA LEU A 388 7.21 7.36 -19.74
C LEU A 388 6.64 7.32 -18.33
N ASP A 389 6.72 8.43 -17.62
CA ASP A 389 6.20 8.55 -16.26
C ASP A 389 4.71 8.23 -16.32
N ASP A 390 4.05 8.76 -17.34
CA ASP A 390 2.62 8.53 -17.52
C ASP A 390 2.35 7.08 -17.86
N ILE A 391 3.10 6.51 -18.79
CA ILE A 391 2.92 5.10 -19.17
C ILE A 391 3.00 4.19 -17.93
N VAL A 392 4.08 4.33 -17.17
CA VAL A 392 4.29 3.52 -15.98
C VAL A 392 3.19 3.75 -14.94
N GLY A 393 2.89 5.02 -14.67
CA GLY A 393 1.87 5.36 -13.70
C GLY A 393 0.46 4.93 -14.07
N ASP A 394 0.06 5.22 -15.30
CA ASP A 394 -1.27 4.87 -15.80
C ASP A 394 -1.50 3.38 -15.79
N HIS A 395 -0.57 2.65 -16.40
CA HIS A 395 -0.68 1.20 -16.48
C HIS A 395 -0.67 0.52 -15.11
N ASN A 396 0.28 0.90 -14.26
CA ASN A 396 0.43 0.28 -12.96
C ASN A 396 -0.41 0.75 -11.77
N VAL A 397 -0.84 2.00 -11.76
CA VAL A 397 -1.60 2.51 -10.62
C VAL A 397 -2.90 3.20 -10.96
N ILE A 398 -2.80 4.29 -11.71
CA ILE A 398 -3.97 5.09 -12.05
C ILE A 398 -5.10 4.37 -12.76
N CYS A 399 -4.81 3.75 -13.89
CA CYS A 399 -5.86 3.04 -14.62
C CYS A 399 -6.45 1.83 -13.90
N PRO A 400 -5.61 1.07 -13.15
CA PRO A 400 -6.18 -0.08 -12.43
C PRO A 400 -7.12 0.45 -11.34
N LEU A 401 -6.72 1.54 -10.69
CA LEU A 401 -7.52 2.16 -9.64
C LEU A 401 -8.84 2.68 -10.22
N MET A 402 -8.78 3.26 -11.42
CA MET A 402 -9.97 3.77 -12.07
C MET A 402 -10.91 2.65 -12.47
N HIS A 403 -10.34 1.51 -12.86
CA HIS A 403 -11.17 0.36 -13.22
C HIS A 403 -11.88 -0.10 -11.96
N PHE A 404 -11.14 -0.20 -10.87
CA PHE A 404 -11.69 -0.64 -9.59
C PHE A 404 -12.75 0.32 -9.06
N VAL A 405 -12.49 1.62 -9.17
CA VAL A 405 -13.44 2.59 -8.67
C VAL A 405 -14.76 2.52 -9.42
N ASN A 406 -14.69 2.34 -10.74
CA ASN A 406 -15.89 2.26 -11.53
C ASN A 406 -16.65 0.96 -11.32
N LYS A 407 -15.92 -0.14 -11.10
CA LYS A 407 -16.57 -1.43 -10.85
C LYS A 407 -17.21 -1.40 -9.46
N TYR A 408 -16.45 -0.91 -8.49
CA TYR A 408 -16.91 -0.84 -7.13
C TYR A 408 -18.12 0.05 -6.97
N THR A 409 -18.03 1.26 -7.51
CA THR A 409 -19.10 2.23 -7.41
C THR A 409 -20.46 1.70 -7.86
N LYS A 410 -20.47 0.68 -8.71
CA LYS A 410 -21.74 0.11 -9.16
C LYS A 410 -22.47 -0.60 -8.03
N PHE A 411 -21.75 -1.16 -7.07
CA PHE A 411 -22.36 -1.85 -5.95
C PHE A 411 -22.11 -1.20 -4.59
N GLY A 412 -21.14 -0.30 -4.53
CA GLY A 412 -20.79 0.36 -3.28
C GLY A 412 -21.84 1.29 -2.72
N ASN A 413 -21.58 1.80 -1.53
CA ASN A 413 -22.50 2.71 -0.86
C ASN A 413 -21.94 4.12 -0.76
N GLY A 414 -21.02 4.47 -1.64
CA GLY A 414 -20.43 5.80 -1.62
C GLY A 414 -18.95 5.79 -1.92
N THR A 415 -18.55 6.55 -2.94
CA THR A 415 -17.16 6.61 -3.36
C THR A 415 -16.67 8.05 -3.38
N TYR A 416 -15.45 8.26 -2.89
CA TYR A 416 -14.84 9.59 -2.89
C TYR A 416 -13.46 9.46 -3.54
N LEU A 417 -13.28 10.14 -4.67
CA LEU A 417 -12.04 10.08 -5.42
C LEU A 417 -11.23 11.37 -5.41
N TYR A 418 -9.93 11.25 -5.20
CA TYR A 418 -9.06 12.42 -5.19
C TYR A 418 -7.88 12.22 -6.13
N PHE A 419 -7.25 13.35 -6.48
CA PHE A 419 -6.08 13.36 -7.34
C PHE A 419 -5.10 14.31 -6.66
N PHE A 420 -4.19 13.73 -5.89
CA PHE A 420 -3.18 14.48 -5.16
C PHE A 420 -2.08 14.96 -6.10
N ASN A 421 -2.03 16.26 -6.33
CA ASN A 421 -1.02 16.79 -7.23
C ASN A 421 -0.16 17.90 -6.65
N HIS A 422 0.04 17.88 -5.34
CA HIS A 422 0.91 18.88 -4.72
C HIS A 422 2.25 18.26 -4.33
N ARG A 423 3.33 18.80 -4.88
CA ARG A 423 4.67 18.30 -4.55
C ARG A 423 5.17 19.00 -3.28
N ALA A 424 5.54 18.22 -2.28
CA ALA A 424 6.04 18.77 -1.02
C ALA A 424 7.23 19.67 -1.33
N SER A 425 7.25 20.85 -0.71
CA SER A 425 8.29 21.85 -0.94
C SER A 425 9.66 21.38 -0.46
N ASN A 426 9.67 20.51 0.54
CA ASN A 426 10.91 19.99 1.07
C ASN A 426 11.27 18.62 0.51
N LEU A 427 10.68 18.27 -0.64
CA LEU A 427 10.96 16.99 -1.26
C LEU A 427 12.42 16.95 -1.75
N VAL A 428 13.17 15.97 -1.26
CA VAL A 428 14.59 15.82 -1.61
C VAL A 428 14.85 15.16 -2.96
N TRP A 429 13.86 14.45 -3.49
CA TRP A 429 14.03 13.79 -4.79
C TRP A 429 14.03 14.87 -5.86
N PRO A 430 14.65 14.59 -7.02
CA PRO A 430 14.69 15.57 -8.11
C PRO A 430 13.31 16.04 -8.57
N GLU A 431 13.28 17.23 -9.17
CA GLU A 431 12.07 17.84 -9.66
C GLU A 431 11.36 17.03 -10.74
N TRP A 432 12.13 16.39 -11.63
CA TRP A 432 11.54 15.64 -12.72
C TRP A 432 10.62 14.53 -12.27
N MET A 433 10.84 14.04 -11.05
CA MET A 433 10.02 12.97 -10.52
C MET A 433 8.61 13.44 -10.18
N GLY A 434 8.46 14.75 -9.95
CA GLY A 434 7.16 15.33 -9.65
C GLY A 434 6.52 14.98 -8.32
N VAL A 435 5.20 14.80 -8.35
CA VAL A 435 4.43 14.45 -7.16
C VAL A 435 4.59 12.94 -7.05
N ILE A 436 5.75 12.55 -6.55
CA ILE A 436 6.13 11.15 -6.41
C ILE A 436 5.19 10.34 -5.56
N HIS A 437 4.99 9.11 -5.99
CA HIS A 437 4.11 8.20 -5.27
C HIS A 437 4.63 8.05 -3.84
N GLY A 438 3.70 8.08 -2.89
CA GLY A 438 4.05 7.94 -1.47
C GLY A 438 4.24 9.25 -0.74
N TYR A 439 4.37 10.36 -1.47
CA TYR A 439 4.58 11.64 -0.83
C TYR A 439 3.36 12.45 -0.41
N GLU A 440 2.25 11.74 -0.26
CA GLU A 440 1.00 12.33 0.19
C GLU A 440 0.82 11.79 1.61
N ILE A 441 1.53 10.71 1.91
CA ILE A 441 1.46 10.07 3.21
C ILE A 441 1.79 11.04 4.33
N GLU A 442 2.86 11.81 4.15
CA GLU A 442 3.27 12.78 5.17
C GLU A 442 2.16 13.78 5.44
N PHE A 443 1.31 14.03 4.45
CA PHE A 443 0.20 14.94 4.63
C PHE A 443 -0.93 14.23 5.38
N VAL A 444 -1.13 12.96 5.06
CA VAL A 444 -2.16 12.16 5.70
C VAL A 444 -1.81 11.96 7.17
N PHE A 445 -0.51 11.87 7.47
CA PHE A 445 -0.06 11.68 8.83
C PHE A 445 0.28 12.95 9.58
N GLY A 446 -0.04 14.10 8.97
CA GLY A 446 0.17 15.38 9.59
C GLY A 446 1.58 15.82 9.94
N LEU A 447 2.57 15.37 9.18
CA LEU A 447 3.95 15.76 9.42
C LEU A 447 4.14 17.28 9.22
N PRO A 448 3.39 17.90 8.29
CA PRO A 448 3.52 19.35 8.05
C PRO A 448 3.18 20.27 9.24
N LEU A 449 2.57 19.73 10.29
CA LEU A 449 2.23 20.54 11.46
C LEU A 449 3.49 20.75 12.30
N VAL A 450 4.44 19.82 12.17
CA VAL A 450 5.70 19.89 12.89
C VAL A 450 6.62 20.86 12.16
N LYS A 451 6.79 22.05 12.73
CA LYS A 451 7.61 23.13 12.14
C LYS A 451 9.02 22.73 11.75
N GLU A 452 9.66 21.91 12.58
CA GLU A 452 11.03 21.46 12.35
C GLU A 452 11.20 20.71 11.04
N LEU A 453 10.09 20.21 10.49
CA LEU A 453 10.11 19.47 9.23
C LEU A 453 10.18 20.37 7.99
N ASN A 454 10.13 21.68 8.22
CA ASN A 454 10.24 22.68 7.16
C ASN A 454 9.19 22.66 6.05
N TYR A 455 7.92 22.61 6.41
CA TYR A 455 6.87 22.65 5.38
C TYR A 455 6.34 24.08 5.35
N THR A 456 5.65 24.44 4.27
CA THR A 456 5.08 25.79 4.18
C THR A 456 3.81 25.84 5.01
N ALA A 457 3.34 27.05 5.29
CA ALA A 457 2.13 27.24 6.05
C ALA A 457 0.99 26.60 5.28
N GLU A 458 1.05 26.71 3.96
CA GLU A 458 0.03 26.15 3.06
C GLU A 458 0.01 24.63 3.17
N GLU A 459 1.19 24.03 3.30
CA GLU A 459 1.29 22.59 3.42
C GLU A 459 0.73 22.08 4.73
N GLU A 460 0.85 22.89 5.77
CA GLU A 460 0.30 22.51 7.07
C GLU A 460 -1.22 22.53 6.95
N ALA A 461 -1.74 23.54 6.24
CA ALA A 461 -3.18 23.67 6.04
C ALA A 461 -3.72 22.51 5.21
N LEU A 462 -2.96 22.12 4.18
CA LEU A 462 -3.36 21.02 3.31
C LEU A 462 -3.34 19.73 4.12
N SER A 463 -2.32 19.58 4.96
CA SER A 463 -2.21 18.39 5.81
C SER A 463 -3.40 18.28 6.72
N ARG A 464 -3.76 19.39 7.38
CA ARG A 464 -4.90 19.41 8.30
C ARG A 464 -6.21 19.11 7.59
N ARG A 465 -6.31 19.62 6.37
CA ARG A 465 -7.49 19.43 5.54
C ARG A 465 -7.61 17.98 5.09
N ILE A 466 -6.48 17.35 4.79
CA ILE A 466 -6.48 15.96 4.35
C ILE A 466 -6.77 15.04 5.54
N MET A 467 -6.14 15.35 6.68
CA MET A 467 -6.36 14.56 7.87
C MET A 467 -7.82 14.60 8.29
N HIS A 468 -8.45 15.76 8.17
CA HIS A 468 -9.85 15.90 8.55
C HIS A 468 -10.75 15.20 7.55
N TYR A 469 -10.31 15.15 6.30
CA TYR A 469 -11.07 14.47 5.24
C TYR A 469 -11.08 12.97 5.55
N TRP A 470 -9.89 12.46 5.85
CA TRP A 470 -9.66 11.06 6.17
C TRP A 470 -10.39 10.63 7.43
N ALA A 471 -10.26 11.41 8.50
CA ALA A 471 -10.89 11.10 9.77
C ALA A 471 -12.41 11.25 9.75
N THR A 472 -12.89 12.31 9.12
CA THR A 472 -14.34 12.53 9.05
C THR A 472 -14.98 11.41 8.23
N PHE A 473 -14.31 11.00 7.16
CA PHE A 473 -14.83 9.91 6.33
C PHE A 473 -14.80 8.60 7.11
N ALA A 474 -13.71 8.34 7.83
CA ALA A 474 -13.59 7.11 8.60
C ALA A 474 -14.70 7.03 9.63
N LYS A 475 -15.09 8.20 10.15
CA LYS A 475 -16.08 8.35 11.21
C LYS A 475 -17.49 8.35 10.66
N THR A 476 -17.73 8.88 9.49
CA THR A 476 -19.08 8.99 8.95
C THR A 476 -19.35 8.36 7.60
N GLY A 477 -18.28 8.09 6.85
CA GLY A 477 -18.45 7.51 5.52
C GLY A 477 -18.58 8.64 4.52
N ASN A 478 -18.21 9.83 4.97
CA ASN A 478 -18.26 11.06 4.17
C ASN A 478 -17.12 11.95 4.69
N PRO A 479 -16.21 12.39 3.80
CA PRO A 479 -15.08 13.25 4.18
C PRO A 479 -15.48 14.67 4.58
N ASN A 480 -16.67 15.08 4.15
CA ASN A 480 -17.22 16.41 4.41
C ASN A 480 -17.92 16.57 5.76
N GLU A 481 -17.80 17.75 6.35
CA GLU A 481 -18.44 18.07 7.62
C GLU A 481 -19.92 18.28 7.31
N PRO A 482 -20.81 17.66 8.10
CA PRO A 482 -22.25 17.82 7.87
C PRO A 482 -22.61 19.30 7.88
N HIS A 483 -23.10 19.80 6.76
CA HIS A 483 -23.49 21.20 6.61
C HIS A 483 -22.36 22.15 7.01
N SER A 484 -21.45 22.39 6.07
CA SER A 484 -20.30 23.28 6.31
C SER A 484 -20.17 24.33 5.20
N GLN A 485 -19.45 25.40 5.49
CA GLN A 485 -19.24 26.48 4.54
C GLN A 485 -18.08 26.25 3.57
N GLU A 486 -17.37 25.14 3.78
CA GLU A 486 -16.23 24.78 2.92
C GLU A 486 -16.70 24.09 1.65
N SER A 487 -15.86 24.11 0.62
CA SER A 487 -16.19 23.49 -0.65
C SER A 487 -16.44 21.99 -0.44
N LYS A 488 -17.52 21.47 -1.01
CA LYS A 488 -17.87 20.07 -0.85
C LYS A 488 -17.22 19.10 -1.82
N TRP A 489 -16.56 18.08 -1.28
CA TRP A 489 -15.91 17.03 -2.06
C TRP A 489 -17.08 16.18 -2.58
N PRO A 490 -17.41 16.31 -3.88
CA PRO A 490 -18.51 15.53 -4.42
C PRO A 490 -18.29 14.03 -4.39
N LEU A 491 -19.41 13.32 -4.38
CA LEU A 491 -19.40 11.86 -4.37
C LEU A 491 -19.14 11.41 -5.81
N PHE A 492 -18.32 10.38 -5.96
CA PHE A 492 -18.02 9.82 -7.26
C PHE A 492 -19.20 8.93 -7.63
N THR A 493 -19.82 9.19 -8.78
CA THR A 493 -20.95 8.39 -9.25
C THR A 493 -20.66 7.80 -10.61
N THR A 494 -21.31 6.67 -10.91
CA THR A 494 -21.14 6.00 -12.20
C THR A 494 -21.39 6.98 -13.35
N LYS A 495 -22.35 7.89 -13.15
CA LYS A 495 -22.71 8.87 -14.15
C LYS A 495 -21.76 10.06 -14.26
N GLU A 496 -21.62 10.80 -13.17
CA GLU A 496 -20.77 11.99 -13.15
C GLU A 496 -19.27 11.74 -13.06
N GLN A 497 -18.87 10.73 -12.31
CA GLN A 497 -17.46 10.36 -12.16
C GLN A 497 -16.59 11.52 -11.68
N LYS A 498 -17.12 12.31 -10.76
CA LYS A 498 -16.41 13.45 -10.22
C LYS A 498 -15.34 13.08 -9.21
N PHE A 499 -14.33 13.94 -9.12
CA PHE A 499 -13.24 13.78 -8.18
C PHE A 499 -12.70 15.17 -7.94
N ILE A 500 -11.82 15.32 -6.96
CA ILE A 500 -11.26 16.62 -6.67
C ILE A 500 -9.75 16.52 -6.66
N ASP A 501 -9.10 17.66 -6.86
CA ASP A 501 -7.66 17.73 -6.79
C ASP A 501 -7.36 17.95 -5.32
N LEU A 502 -6.22 17.45 -4.87
CA LEU A 502 -5.81 17.64 -3.49
C LEU A 502 -4.48 18.36 -3.50
N ASN A 503 -4.55 19.68 -3.30
CA ASN A 503 -3.37 20.52 -3.27
C ASN A 503 -3.64 21.73 -2.39
N THR A 504 -2.68 22.66 -2.36
CA THR A 504 -2.78 23.86 -1.55
C THR A 504 -3.70 24.94 -2.11
N GLU A 505 -4.25 24.70 -3.30
CA GLU A 505 -5.17 25.65 -3.94
C GLU A 505 -6.61 25.33 -3.54
N PRO A 506 -7.54 26.26 -3.79
CA PRO A 506 -8.95 26.05 -3.45
C PRO A 506 -9.47 24.85 -4.21
N MET A 507 -10.18 23.97 -3.52
CA MET A 507 -10.72 22.76 -4.11
C MET A 507 -11.37 22.99 -5.47
N LYS A 508 -11.05 22.09 -6.40
CA LYS A 508 -11.59 22.15 -7.75
C LYS A 508 -12.08 20.75 -8.10
N VAL A 509 -13.27 20.67 -8.67
CA VAL A 509 -13.86 19.40 -9.04
C VAL A 509 -13.72 19.12 -10.52
N HIS A 510 -13.40 17.87 -10.85
CA HIS A 510 -13.25 17.43 -12.24
C HIS A 510 -14.04 16.17 -12.46
N GLN A 511 -13.97 15.62 -13.66
CA GLN A 511 -14.68 14.41 -14.01
C GLN A 511 -13.81 13.52 -14.88
N ARG A 512 -14.07 12.22 -14.84
CA ARG A 512 -13.37 11.24 -15.64
C ARG A 512 -11.85 11.33 -15.59
N LEU A 513 -11.29 11.05 -14.42
CA LEU A 513 -9.85 11.08 -14.21
C LEU A 513 -9.10 10.22 -15.23
N ARG A 514 -8.35 10.89 -16.11
CA ARG A 514 -7.56 10.24 -17.15
C ARG A 514 -8.32 9.18 -17.93
N VAL A 515 -9.53 9.53 -18.39
CA VAL A 515 -10.36 8.61 -19.16
C VAL A 515 -9.69 8.16 -20.43
N GLN A 516 -9.16 9.13 -21.18
CA GLN A 516 -8.50 8.86 -22.45
C GLN A 516 -7.46 7.77 -22.36
N MET A 517 -6.50 7.94 -21.46
CA MET A 517 -5.45 6.94 -21.27
C MET A 517 -5.97 5.64 -20.65
N CYS A 518 -6.93 5.74 -19.74
CA CYS A 518 -7.48 4.55 -19.10
C CYS A 518 -8.41 3.71 -19.97
N VAL A 519 -8.98 4.31 -21.01
CA VAL A 519 -9.82 3.54 -21.93
C VAL A 519 -8.82 2.68 -22.71
N PHE A 520 -7.64 3.24 -23.00
CA PHE A 520 -6.59 2.53 -23.71
C PHE A 520 -6.11 1.36 -22.87
N TRP A 521 -5.73 1.63 -21.63
CA TRP A 521 -5.23 0.58 -20.75
C TRP A 521 -6.25 -0.46 -20.29
N ASN A 522 -7.46 -0.01 -19.98
CA ASN A 522 -8.52 -0.90 -19.49
C ASN A 522 -9.36 -1.56 -20.57
N GLN A 523 -9.50 -0.91 -21.72
CA GLN A 523 -10.32 -1.46 -22.79
C GLN A 523 -9.54 -1.89 -24.03
N PHE A 524 -8.95 -0.93 -24.74
CA PHE A 524 -8.24 -1.24 -25.98
C PHE A 524 -7.03 -2.17 -25.92
N LEU A 525 -5.99 -1.80 -25.19
CA LEU A 525 -4.79 -2.64 -25.12
C LEU A 525 -5.04 -4.10 -24.72
N PRO A 526 -5.87 -4.34 -23.68
CA PRO A 526 -6.13 -5.74 -23.29
C PRO A 526 -6.77 -6.54 -24.43
N LYS A 527 -7.65 -5.88 -25.19
CA LYS A 527 -8.30 -6.51 -26.32
C LYS A 527 -7.32 -6.77 -27.44
N LEU A 528 -6.41 -5.83 -27.68
CA LEU A 528 -5.41 -5.97 -28.71
C LEU A 528 -4.53 -7.18 -28.43
N LEU A 529 -3.96 -7.23 -27.22
CA LEU A 529 -3.09 -8.33 -26.82
C LEU A 529 -3.81 -9.69 -26.81
N ASN A 530 -5.09 -9.68 -26.45
CA ASN A 530 -5.88 -10.91 -26.41
C ASN A 530 -5.98 -11.49 -27.83
N ALA A 531 -6.27 -10.63 -28.80
CA ALA A 531 -6.41 -11.05 -30.19
C ALA A 531 -5.09 -11.50 -30.80
N THR A 532 -4.00 -10.88 -30.38
CA THR A 532 -2.68 -11.22 -30.89
C THR A 532 -1.87 -12.11 -29.95
C1 NAG B . 9.95 -2.04 29.38
C2 NAG B . 10.49 -0.60 29.45
C3 NAG B . 11.11 -0.33 30.81
C4 NAG B . 10.12 -0.70 31.93
C5 NAG B . 9.67 -2.15 31.76
C6 NAG B . 8.66 -2.52 32.83
C7 NAG B . 11.80 0.81 27.98
C8 NAG B . 12.84 0.93 26.90
N2 NAG B . 11.48 -0.41 28.41
O3 NAG B . 11.47 1.03 30.93
O4 NAG B . 10.72 -0.51 33.20
O5 NAG B . 9.08 -2.30 30.48
O6 NAG B . 9.25 -2.53 34.11
O7 NAG B . 11.25 1.83 28.45
C1 NAG C . -26.11 3.92 1.14
C2 NAG C . -26.85 4.68 0.04
C3 NAG C . -28.08 5.38 0.60
C4 NAG C . -28.95 4.38 1.36
C5 NAG C . -28.13 3.71 2.44
C6 NAG C . -28.96 2.67 3.21
C7 NAG C . -25.32 5.46 -1.69
C8 NAG C . -24.41 6.57 -2.18
N2 NAG C . -25.95 5.68 -0.53
O3 NAG C . -28.81 5.95 -0.46
O4 NAG C . -30.07 5.02 1.92
O5 NAG C . -27.01 3.06 1.84
O6 NAG C . -28.95 1.43 2.54
O7 NAG C . -25.48 4.43 -2.33
C1 SAF D . 7.67 5.10 -1.94
C3 SAF D . 8.85 2.97 -1.46
C4 SAF D . 10.04 3.43 -2.36
C5 SAF D . 9.93 4.64 -2.98
C6 SAF D . 8.77 5.46 -2.74
O4 SAF D . 11.21 2.72 -2.65
N2 SAF D . 5.70 2.07 -0.80
C7 SAF D . 5.58 1.66 -2.18
C8 SAF D . 4.35 2.01 -0.38
C9 SAF D . 6.20 3.56 -0.55
C10 SAF D . 6.19 3.82 0.87
C40 SAF D . 7.63 3.89 -1.28
C1 EMM E . 3.17 0.62 -6.31
C2 EMM E . 5.05 -0.88 -5.64
C EMM E . 3.63 0.48 -3.85
O EMM E . 3.58 -0.58 -3.19
N EMM E . 4.04 0.17 -5.28
C3 EMM E . 3.13 1.96 -6.56
#